data_4D1V
#
_entry.id   4D1V
#
_cell.length_a   69.947
_cell.length_b   69.947
_cell.length_c   46.936
_cell.angle_alpha   90.00
_cell.angle_beta   90.00
_cell.angle_gamma   90.00
#
_symmetry.space_group_name_H-M   'P 43'
#
loop_
_entity.id
_entity.type
_entity.pdbx_description
1 polymer METALLO-B-LACTAMASE
2 non-polymer 'ZINC ION'
3 water water
#
_entity_poly.entity_id   1
_entity_poly.type   'polypeptide(L)'
_entity_poly.pdbx_seq_one_letter_code
;MFQIRSFLVGISAFVMAVLGSAAYSAQPGGEYPTVDDIPVGEVRLYKIGDGVWSHIATQKLGDTVYSSNGLIVRDADELL
LIDTAWGAKNTVALLAEIEKQIGLPVTRSISTHFHDDRVGGVDVLRAAGVATYTSPLTRQLAEAAGNEVPAHSLKALSSS
GDVVRFGPVEVFYPGAAHSGDNLVVYVPAVRVLYGGCAVHEASRESAGNVADANLAEWPATIKRIQQRYPEAEVVIPGHG
LPGGLELLQHTTNVVKTHKVRPVAE
;
_entity_poly.pdbx_strand_id   A
#
loop_
_chem_comp.id
_chem_comp.type
_chem_comp.name
_chem_comp.formula
ZN non-polymer 'ZINC ION' 'Zn 2'
#
# COMPACT_ATOMS: atom_id res chain seq x y z
N GLU A 31 -19.31 -6.46 -2.17
CA GLU A 31 -19.42 -5.54 -1.06
C GLU A 31 -18.14 -4.71 -0.92
N TYR A 32 -17.07 -5.10 -1.60
CA TYR A 32 -15.86 -4.28 -1.60
C TYR A 32 -16.13 -2.99 -2.37
N PRO A 33 -15.82 -1.84 -1.75
CA PRO A 33 -16.04 -0.50 -2.31
C PRO A 33 -15.30 -0.22 -3.62
N THR A 34 -15.98 0.47 -4.54
CA THR A 34 -15.39 0.88 -5.81
C THR A 34 -15.63 2.37 -6.03
N VAL A 35 -15.10 2.90 -7.13
CA VAL A 35 -15.26 4.31 -7.44
C VAL A 35 -16.70 4.75 -7.60
N ASP A 36 -17.61 3.81 -7.87
CA ASP A 36 -19.01 4.16 -8.09
C ASP A 36 -19.83 4.11 -6.81
N ASP A 37 -19.16 3.81 -5.69
CA ASP A 37 -19.81 3.90 -4.39
C ASP A 37 -19.00 4.74 -3.39
N ILE A 38 -17.94 5.38 -3.85
CA ILE A 38 -17.20 6.32 -2.99
C ILE A 38 -17.04 7.72 -3.63
N PRO A 39 -17.75 8.71 -3.05
CA PRO A 39 -17.97 10.10 -3.47
C PRO A 39 -16.78 11.06 -3.30
N VAL A 40 -15.57 10.63 -3.66
CA VAL A 40 -14.37 11.46 -3.65
C VAL A 40 -14.29 12.48 -2.49
N GLY A 41 -13.27 12.34 -1.66
CA GLY A 41 -13.18 13.09 -0.43
C GLY A 41 -13.60 12.26 0.76
N GLU A 42 -14.20 11.11 0.49
CA GLU A 42 -14.61 10.21 1.56
C GLU A 42 -13.83 8.91 1.50
N VAL A 43 -13.77 8.22 2.63
CA VAL A 43 -12.95 7.03 2.74
C VAL A 43 -13.76 5.92 3.37
N ARG A 44 -13.61 4.71 2.85
CA ARG A 44 -14.28 3.55 3.45
C ARG A 44 -13.25 2.59 4.05
N LEU A 45 -13.67 1.86 5.07
CA LEU A 45 -12.86 0.78 5.62
C LEU A 45 -13.54 -0.53 5.30
N TYR A 46 -12.74 -1.57 5.10
CA TYR A 46 -13.26 -2.91 4.80
C TYR A 46 -12.50 -3.95 5.63
N LYS A 47 -13.21 -4.67 6.48
CA LYS A 47 -12.55 -5.64 7.35
C LYS A 47 -12.10 -6.85 6.53
N ILE A 48 -10.82 -7.20 6.66
CA ILE A 48 -10.22 -8.27 5.87
C ILE A 48 -10.01 -9.54 6.69
N GLY A 49 -9.62 -9.36 7.95
CA GLY A 49 -9.41 -10.45 8.87
C GLY A 49 -9.31 -9.89 10.27
N ASP A 50 -8.99 -10.76 11.23
CA ASP A 50 -8.87 -10.34 12.62
C ASP A 50 -7.79 -9.26 12.72
N GLY A 51 -8.18 -8.08 13.21
CA GLY A 51 -7.26 -6.98 13.39
C GLY A 51 -6.74 -6.35 12.10
N VAL A 52 -7.37 -6.65 10.96
CA VAL A 52 -6.87 -6.12 9.68
C VAL A 52 -8.01 -5.55 8.83
N TRP A 53 -7.84 -4.30 8.39
CA TRP A 53 -8.80 -3.65 7.49
C TRP A 53 -8.05 -3.14 6.26
N SER A 54 -8.72 -3.01 5.12
CA SER A 54 -8.19 -2.14 4.08
C SER A 54 -8.89 -0.81 4.20
N HIS A 55 -8.26 0.25 3.71
CA HIS A 55 -8.92 1.53 3.54
C HIS A 55 -8.97 1.86 2.04
N ILE A 56 -10.09 2.44 1.62
CA ILE A 56 -10.31 2.68 0.20
C ILE A 56 -10.72 4.12 -0.01
N ALA A 57 -10.07 4.78 -0.97
CA ALA A 57 -10.36 6.18 -1.27
C ALA A 57 -10.37 6.39 -2.77
N THR A 58 -10.76 7.59 -3.20
CA THR A 58 -10.84 7.90 -4.62
C THR A 58 -10.11 9.21 -4.92
N GLN A 59 -9.62 9.33 -6.15
CA GLN A 59 -8.88 10.52 -6.56
C GLN A 59 -9.06 10.71 -8.07
N LYS A 60 -9.06 11.97 -8.51
CA LYS A 60 -9.20 12.27 -9.93
C LYS A 60 -7.93 12.92 -10.47
N LEU A 61 -7.37 12.30 -11.50
CA LEU A 61 -6.27 12.89 -12.27
C LEU A 61 -6.74 13.04 -13.71
N GLY A 62 -6.60 14.24 -14.27
CA GLY A 62 -6.90 14.44 -15.67
C GLY A 62 -8.15 13.72 -16.16
N ASP A 63 -9.30 14.18 -15.71
CA ASP A 63 -10.60 13.64 -16.14
C ASP A 63 -10.76 12.16 -15.86
N THR A 64 -9.83 11.59 -15.09
CA THR A 64 -9.91 10.18 -14.73
C THR A 64 -9.95 10.01 -13.21
N VAL A 65 -10.89 9.19 -12.74
CA VAL A 65 -11.00 8.89 -11.31
C VAL A 65 -10.55 7.46 -11.01
N TYR A 66 -9.88 7.29 -9.88
CA TYR A 66 -9.37 5.99 -9.52
C TYR A 66 -9.75 5.70 -8.10
N SER A 67 -9.70 4.42 -7.73
CA SER A 67 -9.75 4.05 -6.33
C SER A 67 -8.37 3.56 -5.95
N SER A 68 -8.08 3.62 -4.66
N SER A 68 -8.03 3.68 -4.66
CA SER A 68 -6.78 3.23 -4.15
CA SER A 68 -6.75 3.21 -4.17
C SER A 68 -6.96 2.59 -2.78
C SER A 68 -6.98 2.57 -2.80
N ASN A 69 -6.18 1.55 -2.50
CA ASN A 69 -6.26 0.84 -1.22
C ASN A 69 -5.04 1.09 -0.34
N GLY A 70 -5.24 0.95 0.96
CA GLY A 70 -4.17 0.82 1.93
C GLY A 70 -4.60 -0.18 2.98
N LEU A 71 -3.81 -0.31 4.04
CA LEU A 71 -4.07 -1.30 5.10
C LEU A 71 -4.02 -0.66 6.48
N ILE A 72 -4.74 -1.27 7.43
CA ILE A 72 -4.74 -0.86 8.81
C ILE A 72 -4.57 -2.14 9.62
N VAL A 73 -3.62 -2.17 10.53
CA VAL A 73 -3.34 -3.39 11.29
C VAL A 73 -3.27 -3.06 12.77
N ARG A 74 -4.08 -3.77 13.54
CA ARG A 74 -4.09 -3.56 14.98
C ARG A 74 -2.92 -4.26 15.66
N ASP A 75 -2.37 -3.57 16.66
CA ASP A 75 -1.31 -4.11 17.51
C ASP A 75 -1.63 -3.68 18.94
N ALA A 76 -2.06 -4.63 19.77
CA ALA A 76 -2.57 -4.30 21.09
C ALA A 76 -3.63 -3.21 20.99
N ASP A 77 -3.36 -2.01 21.52
CA ASP A 77 -4.36 -0.95 21.53
C ASP A 77 -3.98 0.24 20.65
N GLU A 78 -3.20 -0.03 19.60
CA GLU A 78 -2.84 1.01 18.66
C GLU A 78 -2.93 0.43 17.26
N LEU A 79 -2.81 1.31 16.25
CA LEU A 79 -2.94 0.88 14.86
C LEU A 79 -1.69 1.28 14.07
N LEU A 80 -1.29 0.37 13.18
CA LEU A 80 -0.29 0.66 12.17
C LEU A 80 -0.99 0.89 10.83
N LEU A 81 -0.70 2.03 10.20
CA LEU A 81 -1.29 2.37 8.93
C LEU A 81 -0.32 2.09 7.78
N ILE A 82 -0.82 1.42 6.74
CA ILE A 82 -0.05 1.21 5.53
C ILE A 82 -0.64 2.06 4.43
N ASP A 83 0.15 3.03 4.02
CA ASP A 83 -0.16 4.02 2.98
C ASP A 83 -1.22 5.06 3.33
N THR A 84 -1.05 6.25 2.78
CA THR A 84 -2.05 7.32 2.93
C THR A 84 -3.27 7.02 2.08
N ALA A 85 -4.26 7.92 2.12
CA ALA A 85 -5.49 7.76 1.35
C ALA A 85 -5.46 8.63 0.08
N TRP A 86 -4.26 8.92 -0.40
CA TRP A 86 -4.05 9.62 -1.67
C TRP A 86 -4.42 11.10 -1.54
N GLY A 87 -3.63 11.79 -0.74
CA GLY A 87 -3.72 13.23 -0.60
C GLY A 87 -4.20 13.69 0.77
N ALA A 88 -3.99 14.98 1.04
CA ALA A 88 -4.30 15.54 2.35
C ALA A 88 -5.79 15.44 2.74
N LYS A 89 -6.68 15.88 1.83
CA LYS A 89 -8.11 15.87 2.16
C LYS A 89 -8.59 14.44 2.47
N ASN A 90 -8.19 13.49 1.64
CA ASN A 90 -8.64 12.11 1.84
C ASN A 90 -8.04 11.53 3.12
N THR A 91 -6.80 11.90 3.42
CA THR A 91 -6.12 11.34 4.58
C THR A 91 -6.71 11.88 5.90
N VAL A 92 -7.14 13.14 5.91
CA VAL A 92 -7.93 13.67 7.02
C VAL A 92 -9.19 12.84 7.22
N ALA A 93 -9.87 12.53 6.13
CA ALA A 93 -11.11 11.76 6.21
C ALA A 93 -10.83 10.34 6.69
N LEU A 94 -9.71 9.77 6.25
CA LEU A 94 -9.26 8.45 6.71
C LEU A 94 -9.09 8.40 8.24
N LEU A 95 -8.42 9.40 8.80
CA LEU A 95 -8.21 9.41 10.24
C LEU A 95 -9.54 9.51 10.98
N ALA A 96 -10.46 10.33 10.47
CA ALA A 96 -11.78 10.47 11.07
C ALA A 96 -12.55 9.14 11.01
N GLU A 97 -12.48 8.46 9.87
CA GLU A 97 -13.18 7.19 9.70
C GLU A 97 -12.59 6.12 10.62
N ILE A 98 -11.28 6.12 10.78
CA ILE A 98 -10.66 5.18 11.72
C ILE A 98 -11.16 5.43 13.15
N GLU A 99 -11.23 6.70 13.55
CA GLU A 99 -11.65 7.01 14.91
C GLU A 99 -13.11 6.61 15.10
N LYS A 100 -13.93 6.84 14.09
CA LYS A 100 -15.35 6.45 14.14
C LYS A 100 -15.57 4.94 14.24
N GLN A 101 -14.90 4.19 13.40
CA GLN A 101 -15.18 2.77 13.25
C GLN A 101 -14.37 1.86 14.18
N ILE A 102 -13.13 2.25 14.48
CA ILE A 102 -12.23 1.40 15.23
C ILE A 102 -11.95 2.02 16.60
N GLY A 103 -11.72 3.32 16.66
CA GLY A 103 -11.58 4.00 17.94
C GLY A 103 -10.26 3.75 18.64
N LEU A 104 -9.24 3.37 17.88
CA LEU A 104 -7.90 3.25 18.41
C LEU A 104 -7.01 4.19 17.61
N PRO A 105 -5.93 4.70 18.23
CA PRO A 105 -5.04 5.66 17.57
C PRO A 105 -4.08 5.05 16.55
N VAL A 106 -3.91 5.74 15.42
CA VAL A 106 -2.86 5.43 14.47
C VAL A 106 -1.58 6.02 15.03
N THR A 107 -0.61 5.16 15.36
CA THR A 107 0.63 5.68 15.97
C THR A 107 1.84 5.66 15.04
N ARG A 108 1.79 4.81 14.02
CA ARG A 108 2.88 4.70 13.03
C ARG A 108 2.29 4.44 11.66
N SER A 109 3.01 4.83 10.61
CA SER A 109 2.59 4.48 9.24
C SER A 109 3.79 4.04 8.42
N ILE A 110 3.52 3.24 7.39
CA ILE A 110 4.51 2.89 6.38
C ILE A 110 3.93 3.24 5.01
N SER A 111 4.71 3.96 4.20
CA SER A 111 4.36 4.17 2.79
C SER A 111 5.15 3.17 1.93
N THR A 112 4.47 2.54 0.98
CA THR A 112 5.05 1.40 0.26
C THR A 112 5.71 1.77 -1.07
N HIS A 113 5.55 3.02 -1.51
CA HIS A 113 6.45 3.61 -2.51
C HIS A 113 6.26 5.13 -2.53
N PHE A 114 6.93 5.81 -3.47
CA PHE A 114 7.10 7.26 -3.35
C PHE A 114 6.04 8.07 -4.04
N HIS A 115 5.12 7.42 -4.75
CA HIS A 115 4.05 8.14 -5.48
C HIS A 115 2.99 8.73 -4.53
N ASP A 116 2.21 9.67 -5.03
CA ASP A 116 1.24 10.40 -4.21
C ASP A 116 0.16 9.54 -3.59
N ASP A 117 -0.17 8.41 -4.19
CA ASP A 117 -1.19 7.55 -3.63
C ASP A 117 -0.66 6.78 -2.40
N ARG A 118 0.64 6.98 -2.11
CA ARG A 118 1.27 6.30 -0.98
C ARG A 118 1.80 7.28 0.06
N VAL A 119 2.33 8.42 -0.38
CA VAL A 119 2.87 9.44 0.53
C VAL A 119 2.09 10.75 0.54
N GLY A 120 1.14 10.91 -0.37
CA GLY A 120 0.31 12.11 -0.43
C GLY A 120 -0.61 12.13 0.78
N GLY A 121 -0.41 13.07 1.70
CA GLY A 121 -1.10 13.01 2.98
C GLY A 121 -0.21 12.69 4.16
N VAL A 122 1.06 12.42 3.89
CA VAL A 122 2.02 12.20 4.97
C VAL A 122 2.08 13.42 5.91
N ASP A 123 1.96 14.63 5.39
CA ASP A 123 2.02 15.77 6.31
C ASP A 123 0.77 15.83 7.19
N VAL A 124 -0.38 15.36 6.70
CA VAL A 124 -1.56 15.19 7.54
C VAL A 124 -1.28 14.19 8.67
N LEU A 125 -0.66 13.07 8.34
CA LEU A 125 -0.31 12.09 9.37
C LEU A 125 0.63 12.69 10.42
N ARG A 126 1.64 13.42 9.95
CA ARG A 126 2.59 14.08 10.84
C ARG A 126 1.88 15.06 11.77
N ALA A 127 0.95 15.86 11.23
CA ALA A 127 0.21 16.84 12.04
C ALA A 127 -0.61 16.15 13.12
N ALA A 128 -1.08 14.94 12.80
CA ALA A 128 -1.88 14.17 13.75
C ALA A 128 -1.00 13.41 14.76
N GLY A 129 0.31 13.55 14.67
CA GLY A 129 1.20 12.92 15.63
C GLY A 129 1.63 11.49 15.29
N VAL A 130 1.39 11.08 14.05
CA VAL A 130 1.80 9.74 13.60
C VAL A 130 3.29 9.74 13.27
N ALA A 131 3.99 8.68 13.68
CA ALA A 131 5.38 8.49 13.29
C ALA A 131 5.41 7.83 11.90
N THR A 132 5.87 8.57 10.90
CA THR A 132 5.79 8.14 9.51
C THR A 132 7.10 7.54 9.01
N TYR A 133 6.99 6.38 8.38
CA TYR A 133 8.15 5.59 7.93
C TYR A 133 8.04 5.19 6.47
N THR A 134 9.21 4.95 5.88
CA THR A 134 9.33 4.21 4.62
C THR A 134 10.79 3.87 4.47
N SER A 135 11.18 3.23 3.36
CA SER A 135 12.58 2.88 3.15
C SER A 135 13.35 4.15 2.83
N PRO A 136 14.67 4.14 3.06
CA PRO A 136 15.51 5.29 2.70
C PRO A 136 15.39 5.67 1.23
N LEU A 137 15.31 4.67 0.34
CA LEU A 137 15.20 4.94 -1.08
C LEU A 137 13.90 5.67 -1.41
N THR A 138 12.82 5.27 -0.77
CA THR A 138 11.55 5.92 -1.01
C THR A 138 11.62 7.39 -0.57
N ARG A 139 12.29 7.65 0.55
CA ARG A 139 12.43 9.03 1.01
C ARG A 139 13.16 9.88 -0.02
N GLN A 140 14.21 9.31 -0.60
CA GLN A 140 14.98 9.97 -1.66
C GLN A 140 14.20 10.22 -2.92
N LEU A 141 13.50 9.19 -3.40
CA LEU A 141 12.68 9.34 -4.58
C LEU A 141 11.55 10.35 -4.37
N ALA A 142 10.91 10.30 -3.20
CA ALA A 142 9.82 11.21 -2.91
C ALA A 142 10.36 12.63 -2.96
N GLU A 143 11.51 12.85 -2.34
CA GLU A 143 12.13 14.18 -2.36
C GLU A 143 12.43 14.64 -3.79
N ALA A 144 13.01 13.76 -4.59
CA ALA A 144 13.39 14.11 -5.95
C ALA A 144 12.16 14.49 -6.76
N ALA A 145 11.04 13.83 -6.45
CA ALA A 145 9.78 14.03 -7.13
C ALA A 145 9.00 15.26 -6.64
N GLY A 146 9.40 15.84 -5.52
CA GLY A 146 8.67 16.94 -4.92
C GLY A 146 7.44 16.48 -4.16
N ASN A 147 7.44 15.23 -3.74
CA ASN A 147 6.33 14.67 -2.98
C ASN A 147 6.61 14.77 -1.48
N GLU A 148 5.58 14.55 -0.66
CA GLU A 148 5.76 14.51 0.77
C GLU A 148 6.66 13.33 1.15
N VAL A 149 7.42 13.50 2.23
CA VAL A 149 8.44 12.54 2.60
C VAL A 149 8.23 12.04 4.03
N PRO A 150 8.02 10.72 4.20
CA PRO A 150 7.93 10.23 5.58
C PRO A 150 9.17 10.59 6.40
N ALA A 151 8.97 10.75 7.70
CA ALA A 151 10.02 11.32 8.55
C ALA A 151 11.14 10.35 8.91
N HIS A 152 10.85 9.04 8.86
CA HIS A 152 11.77 8.04 9.38
C HIS A 152 12.04 6.94 8.37
N SER A 153 13.26 6.41 8.42
CA SER A 153 13.70 5.35 7.52
C SER A 153 13.59 3.97 8.17
N LEU A 154 13.12 3.03 7.38
CA LEU A 154 13.20 1.61 7.72
C LEU A 154 14.55 1.09 7.23
N LYS A 155 15.40 0.70 8.18
CA LYS A 155 16.71 0.17 7.85
C LYS A 155 16.62 -1.31 7.43
N ALA A 156 17.66 -1.77 6.75
CA ALA A 156 17.81 -3.18 6.38
C ALA A 156 16.86 -3.61 5.28
N LEU A 157 16.44 -2.68 4.44
CA LEU A 157 15.55 -3.01 3.32
C LEU A 157 16.17 -2.62 1.97
N SER A 158 17.48 -2.37 1.97
CA SER A 158 18.18 -1.85 0.80
C SER A 158 18.30 -2.84 -0.37
N SER A 159 18.38 -4.14 -0.08
CA SER A 159 18.58 -5.11 -1.14
C SER A 159 17.37 -6.02 -1.35
N SER A 160 17.13 -6.38 -2.61
CA SER A 160 16.06 -7.30 -2.96
C SER A 160 16.14 -8.57 -2.12
N GLY A 161 15.00 -8.96 -1.56
CA GLY A 161 14.94 -10.12 -0.69
C GLY A 161 15.00 -9.74 0.77
N ASP A 162 15.32 -8.49 1.06
CA ASP A 162 15.40 -8.03 2.45
C ASP A 162 14.03 -8.00 3.12
N VAL A 163 13.98 -8.47 4.37
CA VAL A 163 12.73 -8.49 5.12
C VAL A 163 12.98 -7.99 6.54
N VAL A 164 12.06 -7.18 7.07
CA VAL A 164 12.13 -6.77 8.47
C VAL A 164 10.79 -6.91 9.16
N ARG A 165 10.83 -7.08 10.47
CA ARG A 165 9.62 -7.06 11.27
C ARG A 165 9.34 -5.63 11.70
N PHE A 166 8.08 -5.25 11.72
CA PHE A 166 7.67 -3.95 12.21
C PHE A 166 6.31 -4.11 12.88
N GLY A 167 6.29 -4.09 14.21
CA GLY A 167 5.07 -4.36 14.94
C GLY A 167 4.45 -5.66 14.49
N PRO A 168 3.15 -5.65 14.12
CA PRO A 168 2.42 -6.87 13.76
C PRO A 168 2.63 -7.33 12.31
N VAL A 169 3.51 -6.67 11.56
CA VAL A 169 3.71 -7.06 10.16
C VAL A 169 5.16 -7.34 9.83
N GLU A 170 5.35 -7.96 8.68
CA GLU A 170 6.65 -8.02 8.03
C GLU A 170 6.63 -7.07 6.87
N VAL A 171 7.73 -6.32 6.71
CA VAL A 171 7.93 -5.50 5.53
C VAL A 171 9.01 -6.11 4.66
N PHE A 172 8.68 -6.30 3.38
CA PHE A 172 9.53 -7.01 2.44
C PHE A 172 9.83 -6.12 1.23
N TYR A 173 11.11 -5.97 0.91
CA TYR A 173 11.49 -5.37 -0.36
C TYR A 173 11.80 -6.47 -1.37
N PRO A 174 10.87 -6.70 -2.30
CA PRO A 174 11.02 -7.81 -3.25
C PRO A 174 11.82 -7.46 -4.49
N GLY A 175 12.24 -6.20 -4.63
CA GLY A 175 12.89 -5.77 -5.84
C GLY A 175 12.03 -4.81 -6.64
N ALA A 176 12.62 -4.24 -7.69
CA ALA A 176 11.92 -3.29 -8.55
C ALA A 176 10.77 -3.91 -9.32
N ALA A 177 9.73 -3.12 -9.51
CA ALA A 177 8.58 -3.54 -10.28
C ALA A 177 7.82 -2.30 -10.75
N HIS A 178 6.69 -2.00 -10.13
CA HIS A 178 5.95 -0.80 -10.46
C HIS A 178 6.84 0.42 -10.23
N SER A 179 7.71 0.34 -9.23
CA SER A 179 8.73 1.35 -8.95
C SER A 179 9.98 0.68 -8.40
N GLY A 180 11.12 1.36 -8.39
CA GLY A 180 12.34 0.77 -7.90
C GLY A 180 12.36 0.50 -6.40
N ASP A 181 11.47 1.17 -5.69
CA ASP A 181 11.43 1.14 -4.24
C ASP A 181 10.26 0.37 -3.64
N ASN A 182 9.39 -0.20 -4.47
CA ASN A 182 8.13 -0.69 -3.94
C ASN A 182 8.28 -1.80 -2.89
N LEU A 183 7.56 -1.64 -1.78
CA LEU A 183 7.54 -2.61 -0.69
C LEU A 183 6.23 -3.36 -0.65
N VAL A 184 6.27 -4.58 -0.09
CA VAL A 184 5.05 -5.29 0.27
C VAL A 184 4.99 -5.54 1.78
N VAL A 185 3.78 -5.74 2.28
CA VAL A 185 3.58 -5.91 3.70
C VAL A 185 2.76 -7.17 3.96
N TYR A 186 3.23 -7.97 4.89
CA TYR A 186 2.56 -9.22 5.21
C TYR A 186 2.14 -9.25 6.67
N VAL A 187 0.91 -9.67 6.95
CA VAL A 187 0.44 -9.83 8.32
C VAL A 187 0.40 -11.33 8.65
N PRO A 188 1.43 -11.82 9.34
CA PRO A 188 1.59 -13.27 9.42
C PRO A 188 0.48 -13.96 10.22
N ALA A 189 -0.05 -13.30 11.23
CA ALA A 189 -1.03 -13.95 12.11
C ALA A 189 -2.28 -14.38 11.36
N VAL A 190 -2.61 -13.65 10.29
CA VAL A 190 -3.82 -13.91 9.52
C VAL A 190 -3.57 -14.11 8.03
N ARG A 191 -2.29 -14.18 7.65
CA ARG A 191 -1.89 -14.53 6.30
C ARG A 191 -2.48 -13.57 5.27
N VAL A 192 -2.37 -12.27 5.55
CA VAL A 192 -2.81 -11.23 4.63
C VAL A 192 -1.59 -10.58 4.02
N LEU A 193 -1.54 -10.59 2.69
CA LEU A 193 -0.45 -9.98 1.93
C LEU A 193 -0.96 -8.74 1.24
N TYR A 194 -0.36 -7.61 1.61
CA TYR A 194 -0.63 -6.35 0.94
C TYR A 194 0.46 -6.11 -0.10
N GLY A 195 0.08 -6.20 -1.38
CA GLY A 195 1.05 -6.10 -2.45
C GLY A 195 1.28 -4.68 -2.94
N GLY A 196 0.37 -3.78 -2.62
CA GLY A 196 0.45 -2.42 -3.12
C GLY A 196 0.51 -2.43 -4.64
N CYS A 197 1.16 -1.43 -5.22
CA CYS A 197 1.03 -1.24 -6.66
C CYS A 197 1.91 -2.17 -7.49
N ALA A 198 2.74 -2.97 -6.82
CA ALA A 198 3.46 -4.06 -7.45
C ALA A 198 2.53 -5.20 -7.89
N VAL A 199 1.30 -5.21 -7.39
CA VAL A 199 0.31 -6.23 -7.75
C VAL A 199 -0.95 -5.65 -8.40
N HIS A 200 -1.38 -6.23 -9.52
CA HIS A 200 -2.58 -5.77 -10.22
C HIS A 200 -3.82 -6.55 -9.79
N GLU A 201 -4.97 -5.87 -9.79
CA GLU A 201 -6.24 -6.54 -9.54
C GLU A 201 -6.59 -7.39 -10.75
N ALA A 202 -7.46 -8.38 -10.53
CA ALA A 202 -7.78 -9.38 -11.55
C ALA A 202 -8.33 -8.76 -12.84
N SER A 203 -9.07 -7.66 -12.71
CA SER A 203 -9.74 -7.07 -13.86
C SER A 203 -8.82 -6.17 -14.71
N ARG A 204 -7.61 -5.90 -14.23
CA ARG A 204 -6.67 -5.07 -14.98
C ARG A 204 -6.05 -5.86 -16.14
N GLU A 205 -5.98 -5.23 -17.31
CA GLU A 205 -5.36 -5.84 -18.49
C GLU A 205 -4.08 -5.10 -18.89
N SER A 206 -3.88 -3.90 -18.34
CA SER A 206 -2.67 -3.12 -18.60
C SER A 206 -1.96 -2.80 -17.28
N ALA A 207 -0.69 -2.40 -17.35
CA ALA A 207 0.10 -2.16 -16.16
C ALA A 207 -0.14 -0.77 -15.56
N GLY A 208 -0.87 0.08 -16.27
CA GLY A 208 -1.06 1.46 -15.86
C GLY A 208 0.20 2.29 -16.04
N ASN A 209 0.52 3.08 -15.03
CA ASN A 209 1.66 3.99 -15.08
C ASN A 209 3.01 3.28 -14.95
N VAL A 210 3.78 3.22 -16.03
CA VAL A 210 5.07 2.54 -16.03
C VAL A 210 6.27 3.49 -16.09
N ALA A 211 6.03 4.78 -15.87
CA ALA A 211 7.09 5.78 -16.00
C ALA A 211 8.21 5.59 -14.98
N ASP A 212 7.90 4.95 -13.85
CA ASP A 212 8.91 4.69 -12.84
C ASP A 212 9.17 3.21 -12.66
N ALA A 213 8.61 2.42 -13.56
CA ALA A 213 8.62 0.96 -13.42
C ALA A 213 9.88 0.33 -13.97
N ASN A 214 10.11 -0.92 -13.57
CA ASN A 214 11.19 -1.72 -14.13
C ASN A 214 10.58 -3.00 -14.64
N LEU A 215 10.03 -2.91 -15.86
CA LEU A 215 9.32 -4.03 -16.47
C LEU A 215 10.16 -5.29 -16.63
N ALA A 216 11.46 -5.13 -16.85
CA ALA A 216 12.31 -6.29 -17.05
C ALA A 216 12.45 -7.07 -15.75
N GLU A 217 12.39 -6.36 -14.64
CA GLU A 217 12.62 -6.93 -13.33
C GLU A 217 11.32 -7.40 -12.66
N TRP A 218 10.19 -6.86 -13.13
CA TRP A 218 8.90 -7.07 -12.44
C TRP A 218 8.55 -8.56 -12.31
N PRO A 219 8.81 -9.37 -13.34
CA PRO A 219 8.50 -10.80 -13.20
C PRO A 219 9.29 -11.50 -12.08
N ALA A 220 10.58 -11.22 -11.97
CA ALA A 220 11.40 -11.84 -10.95
C ALA A 220 11.02 -11.35 -9.56
N THR A 221 10.57 -10.09 -9.49
CA THR A 221 10.13 -9.52 -8.23
C THR A 221 8.85 -10.23 -7.73
N ILE A 222 7.92 -10.49 -8.64
CA ILE A 222 6.70 -11.23 -8.29
C ILE A 222 7.06 -12.63 -7.83
N LYS A 223 7.98 -13.27 -8.54
CA LYS A 223 8.37 -14.62 -8.18
C LYS A 223 8.93 -14.66 -6.78
N ARG A 224 9.70 -13.64 -6.39
CA ARG A 224 10.23 -13.55 -5.04
C ARG A 224 9.11 -13.39 -3.99
N ILE A 225 8.04 -12.68 -4.34
CA ILE A 225 6.88 -12.57 -3.46
C ILE A 225 6.17 -13.93 -3.33
N GLN A 226 5.99 -14.60 -4.47
CA GLN A 226 5.36 -15.91 -4.50
C GLN A 226 6.09 -16.88 -3.58
N GLN A 227 7.41 -16.92 -3.72
CA GLN A 227 8.22 -17.87 -2.98
C GLN A 227 8.26 -17.55 -1.49
N ARG A 228 8.10 -16.27 -1.15
CA ARG A 228 8.22 -15.90 0.25
C ARG A 228 6.92 -16.08 1.05
N TYR A 229 5.78 -15.93 0.38
CA TYR A 229 4.49 -15.92 1.07
C TYR A 229 3.49 -16.93 0.46
N PRO A 230 3.90 -18.21 0.41
CA PRO A 230 3.10 -19.28 -0.20
C PRO A 230 1.80 -19.60 0.54
N GLU A 231 1.68 -19.21 1.80
CA GLU A 231 0.47 -19.47 2.60
C GLU A 231 -0.47 -18.27 2.69
N ALA A 232 -0.19 -17.18 2.00
CA ALA A 232 -1.11 -16.05 2.02
C ALA A 232 -2.50 -16.45 1.58
N GLU A 233 -3.51 -15.96 2.32
CA GLU A 233 -4.91 -16.23 1.96
C GLU A 233 -5.56 -15.08 1.21
N VAL A 234 -5.15 -13.87 1.51
CA VAL A 234 -5.72 -12.69 0.88
C VAL A 234 -4.56 -11.90 0.30
N VAL A 235 -4.70 -11.45 -0.94
CA VAL A 235 -3.73 -10.56 -1.54
C VAL A 235 -4.45 -9.27 -1.94
N ILE A 236 -3.98 -8.13 -1.42
CA ILE A 236 -4.62 -6.84 -1.68
C ILE A 236 -3.77 -6.02 -2.64
N PRO A 237 -4.33 -5.63 -3.81
CA PRO A 237 -3.56 -4.81 -4.74
C PRO A 237 -3.61 -3.33 -4.35
N GLY A 238 -2.72 -2.52 -4.89
CA GLY A 238 -2.75 -1.09 -4.60
C GLY A 238 -4.04 -0.40 -5.05
N HIS A 239 -4.60 -0.89 -6.15
CA HIS A 239 -5.84 -0.35 -6.69
C HIS A 239 -6.75 -1.53 -7.05
N GLY A 240 -8.00 -1.50 -6.58
CA GLY A 240 -8.98 -2.49 -6.98
C GLY A 240 -9.29 -3.59 -5.97
N LEU A 241 -9.91 -4.65 -6.47
CA LEU A 241 -10.46 -5.70 -5.60
C LEU A 241 -9.42 -6.65 -5.04
N PRO A 242 -9.50 -6.93 -3.74
CA PRO A 242 -8.63 -7.99 -3.22
C PRO A 242 -8.95 -9.33 -3.88
N GLY A 243 -7.97 -10.22 -3.88
CA GLY A 243 -8.19 -11.59 -4.29
C GLY A 243 -7.27 -12.48 -3.51
N GLY A 244 -6.75 -13.51 -4.17
CA GLY A 244 -5.84 -14.46 -3.54
C GLY A 244 -4.52 -14.50 -4.27
N LEU A 245 -3.76 -15.56 -4.02
CA LEU A 245 -2.43 -15.70 -4.59
C LEU A 245 -2.41 -15.65 -6.12
N GLU A 246 -3.55 -15.91 -6.75
CA GLU A 246 -3.64 -15.88 -8.21
C GLU A 246 -3.35 -14.48 -8.81
N LEU A 247 -3.51 -13.42 -8.02
CA LEU A 247 -3.22 -12.06 -8.50
C LEU A 247 -1.75 -11.87 -8.83
N LEU A 248 -0.88 -12.66 -8.20
CA LEU A 248 0.56 -12.54 -8.44
C LEU A 248 0.94 -12.99 -9.86
N GLN A 249 0.54 -14.20 -10.24
CA GLN A 249 0.83 -14.67 -11.60
C GLN A 249 0.09 -13.81 -12.62
N HIS A 250 -1.10 -13.32 -12.23
CA HIS A 250 -1.86 -12.46 -13.11
C HIS A 250 -1.07 -11.21 -13.42
N THR A 251 -0.43 -10.65 -12.40
CA THR A 251 0.37 -9.44 -12.59
C THR A 251 1.50 -9.71 -13.58
N THR A 252 2.18 -10.83 -13.42
CA THR A 252 3.25 -11.18 -14.33
C THR A 252 2.73 -11.28 -15.75
N ASN A 253 1.55 -11.85 -15.93
CA ASN A 253 0.95 -11.97 -17.26
C ASN A 253 0.64 -10.59 -17.86
N VAL A 254 0.16 -9.67 -17.04
CA VAL A 254 -0.19 -8.34 -17.49
C VAL A 254 1.07 -7.59 -17.92
N VAL A 255 2.13 -7.78 -17.16
CA VAL A 255 3.38 -7.06 -17.40
C VAL A 255 4.00 -7.42 -18.74
N LYS A 256 3.88 -8.68 -19.13
CA LYS A 256 4.47 -9.14 -20.36
C LYS A 256 3.72 -8.55 -21.57
N THR A 257 3.70 -7.22 -21.63
CA THR A 257 3.16 -6.49 -22.77
C THR A 257 3.82 -5.12 -22.85
ZN ZN B . 2.81 4.26 -7.97
ZN ZN C . -0.63 3.17 -7.32
#